data_4CZD
#
_entry.id   4CZD
#
_cell.length_a   55.850
_cell.length_b   78.620
_cell.length_c   151.400
_cell.angle_alpha   90.00
_cell.angle_beta   90.00
_cell.angle_gamma   90.00
#
_symmetry.space_group_name_H-M   'P 21 21 21'
#
loop_
_entity.id
_entity.type
_entity.pdbx_description
1 polymer 'PUTATIVE TRANSCRIPTIONAL REGULATOR, ASNC FAMILY'
2 polymer 'PUTATIVE TRANSCRIPTIONAL REGULATOR, ASNC FAMILY'
3 water water
#
loop_
_entity_poly.entity_id
_entity_poly.type
_entity_poly.pdbx_seq_one_letter_code
_entity_poly.pdbx_strand_id
1 'polypeptide(L)'
;MTTQTSAATGSPTQQNNAALADMDSMDRQLLDIIQTGFPLSPRPYAELGQRLGLDEQEVLDRVRGLKARKIIRRLGANFQ
SAKLGFVSTLCAAKVPQDKMDAFVAEVNAKPGVTHNYLREHDYNIWFTLISPSREETQAILDGITQATGVPILNLPATKL
FKIRVDFRMDNDS
;
A,C
2 'polypeptide(L)'
;MGSSHHHHHHSSGLVPRGSHMSHQFSPEEQAVLRIVQANLPDSLTPYADLAEQAGMTEAQVLELLGRLKASGAIRRFGAS
IKHQKTGWTHNAMVAWKVTPDQVDDCGRKAAEHSHISHVYYRPSSAPDWPYEMYTMIHGRSEAECLGVVEDVKRTTSLKE
HAILRSLKELKKTSMTYFT
;
B,D
#
# COMPACT_ATOMS: atom_id res chain seq x y z
N ASP A 22 17.58 22.41 8.19
CA ASP A 22 18.08 23.58 7.46
C ASP A 22 17.03 24.06 6.44
N MET A 23 16.34 25.18 6.76
CA MET A 23 15.28 25.82 5.96
C MET A 23 15.09 27.28 6.42
N ASP A 24 14.23 28.05 5.71
CA ASP A 24 13.98 29.47 6.04
C ASP A 24 12.77 29.63 6.99
N SER A 25 12.58 30.84 7.56
CA SER A 25 11.48 31.10 8.49
C SER A 25 10.07 30.85 7.90
N MET A 26 9.89 31.08 6.58
CA MET A 26 8.62 30.81 5.91
C MET A 26 8.28 29.31 5.94
N ASP A 27 9.30 28.41 5.81
CA ASP A 27 9.14 26.95 5.89
C ASP A 27 8.78 26.52 7.32
N ARG A 28 9.32 27.20 8.33
CA ARG A 28 9.04 26.95 9.75
C ARG A 28 7.63 27.37 10.08
N GLN A 29 7.17 28.53 9.55
CA GLN A 29 5.80 29.04 9.69
C GLN A 29 4.81 28.13 8.95
N LEU A 30 5.17 27.68 7.71
CA LEU A 30 4.37 26.74 6.90
C LEU A 30 4.17 25.41 7.65
N LEU A 31 5.28 24.80 8.11
CA LEU A 31 5.23 23.54 8.85
C LEU A 31 4.51 23.64 10.20
N ASP A 32 4.51 24.85 10.82
CA ASP A 32 3.80 25.11 12.07
C ASP A 32 2.28 25.08 11.78
N ILE A 33 1.87 25.55 10.60
CA ILE A 33 0.45 25.56 10.22
C ILE A 33 -0.03 24.16 9.82
N ILE A 34 0.66 23.54 8.84
CA ILE A 34 0.29 22.24 8.27
C ILE A 34 0.41 21.03 9.21
N GLN A 35 1.15 21.17 10.33
CA GLN A 35 1.23 20.13 11.36
C GLN A 35 -0.08 20.15 12.17
N THR A 36 -0.60 21.35 12.56
CA THR A 36 -1.87 21.44 13.29
C THR A 36 -3.03 21.08 12.34
N GLY A 37 -2.95 21.59 11.12
CA GLY A 37 -4.00 21.35 10.13
C GLY A 37 -3.75 21.88 8.73
N PHE A 38 -3.67 20.95 7.79
CA PHE A 38 -3.61 21.29 6.39
C PHE A 38 -5.05 21.73 6.03
N PRO A 39 -5.22 22.88 5.31
CA PRO A 39 -6.57 23.42 5.09
C PRO A 39 -7.56 22.56 4.33
N LEU A 40 -8.72 22.39 4.96
CA LEU A 40 -9.89 21.72 4.44
C LEU A 40 -10.75 22.70 3.64
N SER A 41 -10.20 23.12 2.50
CA SER A 41 -10.82 24.04 1.55
C SER A 41 -10.45 23.62 0.10
N PRO A 42 -11.27 23.98 -0.92
CA PRO A 42 -10.95 23.58 -2.32
C PRO A 42 -9.59 23.96 -2.88
N ARG A 43 -9.04 25.12 -2.47
CA ARG A 43 -7.72 25.58 -2.94
C ARG A 43 -6.84 25.76 -1.70
N PRO A 44 -6.32 24.64 -1.10
CA PRO A 44 -5.63 24.75 0.20
C PRO A 44 -4.28 25.45 0.16
N TYR A 45 -3.58 25.39 -0.96
CA TYR A 45 -2.28 26.07 -1.11
C TYR A 45 -2.49 27.58 -1.27
N ALA A 46 -3.64 27.97 -1.84
CA ALA A 46 -4.05 29.36 -1.99
C ALA A 46 -4.44 29.88 -0.60
N GLU A 47 -5.09 29.02 0.23
CA GLU A 47 -5.43 29.40 1.61
C GLU A 47 -4.13 29.61 2.41
N LEU A 48 -3.11 28.75 2.19
CA LEU A 48 -1.81 28.87 2.86
C LEU A 48 -1.06 30.13 2.36
N GLY A 49 -1.14 30.37 1.05
CA GLY A 49 -0.54 31.57 0.46
C GLY A 49 -1.09 32.84 1.07
N GLN A 50 -2.43 32.93 1.24
CA GLN A 50 -3.07 34.10 1.85
C GLN A 50 -2.67 34.32 3.30
N ARG A 51 -2.52 33.24 4.08
CA ARG A 51 -2.10 33.31 5.47
C ARG A 51 -0.61 33.67 5.59
N LEU A 52 0.25 33.13 4.70
CA LEU A 52 1.72 33.30 4.72
C LEU A 52 2.29 34.46 3.91
N GLY A 53 1.49 35.03 3.02
CA GLY A 53 1.93 36.10 2.13
C GLY A 53 2.84 35.51 1.09
N LEU A 54 2.34 34.48 0.40
CA LEU A 54 3.10 33.72 -0.59
C LEU A 54 2.20 33.33 -1.74
N ASP A 55 2.79 33.16 -2.93
CA ASP A 55 2.08 32.74 -4.12
C ASP A 55 1.70 31.28 -3.93
N GLU A 56 0.44 30.95 -4.31
CA GLU A 56 -0.16 29.62 -4.23
C GLU A 56 0.78 28.49 -4.71
N GLN A 57 1.37 28.65 -5.90
CA GLN A 57 2.31 27.70 -6.51
C GLN A 57 3.60 27.53 -5.68
N GLU A 58 4.11 28.62 -5.08
CA GLU A 58 5.33 28.58 -4.26
C GLU A 58 5.08 27.73 -3.01
N VAL A 59 3.87 27.84 -2.45
CA VAL A 59 3.53 27.01 -1.30
C VAL A 59 3.51 25.51 -1.68
N LEU A 60 2.96 25.15 -2.88
CA LEU A 60 2.98 23.78 -3.41
C LEU A 60 4.43 23.32 -3.65
N ASP A 61 5.25 24.19 -4.29
CA ASP A 61 6.68 23.95 -4.54
C ASP A 61 7.41 23.65 -3.24
N ARG A 62 7.16 24.47 -2.20
CA ARG A 62 7.78 24.32 -0.86
C ARG A 62 7.37 23.03 -0.16
N VAL A 63 6.09 22.63 -0.26
CA VAL A 63 5.58 21.38 0.33
C VAL A 63 6.21 20.17 -0.37
N ARG A 64 6.29 20.21 -1.73
CA ARG A 64 6.91 19.14 -2.52
C ARG A 64 8.39 18.98 -2.17
N GLY A 65 9.10 20.10 -2.03
CA GLY A 65 10.51 20.14 -1.63
C GLY A 65 10.76 19.54 -0.25
N LEU A 66 9.96 19.95 0.75
CA LEU A 66 10.09 19.41 2.13
C LEU A 66 9.75 17.91 2.21
N LYS A 67 8.86 17.44 1.31
CA LYS A 67 8.46 16.03 1.21
C LYS A 67 9.63 15.25 0.60
N ALA A 68 10.22 15.78 -0.49
CA ALA A 68 11.36 15.18 -1.19
C ALA A 68 12.60 15.04 -0.29
N ARG A 69 12.83 16.01 0.61
CA ARG A 69 13.94 16.05 1.58
C ARG A 69 13.64 15.22 2.86
N LYS A 70 12.45 14.58 2.89
CA LYS A 70 11.95 13.74 3.97
C LYS A 70 11.63 14.50 5.26
N ILE A 71 11.65 15.85 5.22
CA ILE A 71 11.24 16.69 6.36
C ILE A 71 9.74 16.42 6.60
N ILE A 72 8.93 16.36 5.52
CA ILE A 72 7.54 15.93 5.56
C ILE A 72 7.59 14.41 5.25
N ARG A 73 7.22 13.59 6.25
CA ARG A 73 7.18 12.13 6.15
C ARG A 73 5.93 11.74 5.36
N ARG A 74 4.78 12.32 5.75
CA ARG A 74 3.47 12.04 5.15
C ARG A 74 2.54 13.24 5.32
N LEU A 75 1.66 13.43 4.35
CA LEU A 75 0.66 14.48 4.35
C LEU A 75 -0.69 13.78 4.11
N GLY A 76 -1.51 13.69 5.18
CA GLY A 76 -2.80 13.02 5.13
C GLY A 76 -3.45 12.87 6.50
N ALA A 77 -4.37 11.91 6.61
CA ALA A 77 -5.10 11.68 7.86
C ALA A 77 -4.35 10.76 8.84
N ASN A 78 -4.48 11.06 10.13
CA ASN A 78 -3.98 10.25 11.22
C ASN A 78 -5.19 9.98 12.09
N PHE A 79 -5.54 8.70 12.25
CA PHE A 79 -6.72 8.30 12.99
C PHE A 79 -6.51 8.00 14.46
N GLN A 80 -7.60 8.11 15.21
CA GLN A 80 -7.69 7.82 16.64
C GLN A 80 -8.46 6.53 16.65
N SER A 81 -7.72 5.40 16.76
CA SER A 81 -8.25 4.03 16.68
C SER A 81 -9.56 3.76 17.39
N ALA A 82 -9.67 4.21 18.66
CA ALA A 82 -10.86 4.02 19.51
C ALA A 82 -12.12 4.68 18.93
N LYS A 83 -11.97 5.86 18.29
CA LYS A 83 -13.08 6.61 17.68
C LYS A 83 -13.60 5.97 16.39
N LEU A 84 -12.84 5.02 15.81
CA LEU A 84 -13.24 4.24 14.64
C LEU A 84 -13.82 2.90 15.06
N GLY A 85 -13.95 2.67 16.37
CA GLY A 85 -14.49 1.44 16.94
C GLY A 85 -13.49 0.31 17.08
N PHE A 86 -12.18 0.62 17.14
CA PHE A 86 -11.13 -0.39 17.27
C PHE A 86 -10.63 -0.43 18.69
N VAL A 87 -10.23 -1.63 19.16
CA VAL A 87 -9.68 -1.90 20.49
C VAL A 87 -8.23 -2.37 20.31
N SER A 88 -7.43 -2.08 21.32
CA SER A 88 -6.01 -2.41 21.31
C SER A 88 -5.60 -3.17 22.58
N THR A 89 -4.60 -4.05 22.45
CA THR A 89 -4.09 -4.83 23.59
C THR A 89 -2.59 -5.11 23.48
N LEU A 90 -1.99 -5.47 24.59
CA LEU A 90 -0.60 -5.91 24.69
C LEU A 90 -0.69 -7.41 25.02
N CYS A 91 0.05 -8.23 24.26
CA CYS A 91 0.07 -9.69 24.40
C CYS A 91 1.45 -10.17 24.80
N ALA A 92 1.49 -11.21 25.65
CA ALA A 92 2.75 -11.77 26.17
C ALA A 92 2.72 -13.28 26.19
N ALA A 93 3.84 -13.88 25.83
CA ALA A 93 3.93 -15.35 25.85
C ALA A 93 5.29 -15.84 26.31
N LYS A 94 5.30 -16.98 27.03
CA LYS A 94 6.51 -17.70 27.48
C LYS A 94 6.82 -18.62 26.33
N VAL A 95 7.72 -18.18 25.44
CA VAL A 95 8.02 -18.96 24.24
C VAL A 95 9.30 -19.79 24.36
N PRO A 96 9.19 -21.14 24.40
CA PRO A 96 10.42 -21.97 24.45
C PRO A 96 11.09 -22.00 23.08
N GLN A 97 12.44 -22.09 23.06
CA GLN A 97 13.28 -22.10 21.86
C GLN A 97 12.82 -23.01 20.73
N ASP A 98 12.22 -24.17 21.07
CA ASP A 98 11.70 -25.15 20.10
C ASP A 98 10.41 -24.70 19.40
N LYS A 99 9.72 -23.67 19.95
CA LYS A 99 8.46 -23.18 19.38
C LYS A 99 8.55 -21.76 18.80
N MET A 100 9.72 -21.12 18.97
CA MET A 100 10.05 -19.75 18.58
C MET A 100 9.73 -19.33 17.15
N ASP A 101 10.29 -20.01 16.14
CA ASP A 101 10.09 -19.65 14.73
C ASP A 101 8.66 -19.81 14.25
N ALA A 102 7.97 -20.85 14.74
CA ALA A 102 6.56 -21.12 14.42
C ALA A 102 5.65 -20.05 15.02
N PHE A 103 5.88 -19.68 16.31
CA PHE A 103 5.10 -18.67 17.06
C PHE A 103 5.27 -17.28 16.45
N VAL A 104 6.54 -16.87 16.21
CA VAL A 104 6.88 -15.58 15.61
C VAL A 104 6.20 -15.37 14.27
N ALA A 105 6.13 -16.44 13.43
CA ALA A 105 5.49 -16.43 12.09
C ALA A 105 3.98 -16.33 12.16
N GLU A 106 3.33 -17.02 13.12
CA GLU A 106 1.87 -16.94 13.25
C GLU A 106 1.43 -15.54 13.76
N VAL A 107 2.23 -14.93 14.63
CA VAL A 107 2.03 -13.61 15.20
C VAL A 107 2.18 -12.52 14.10
N ASN A 108 3.30 -12.55 13.35
CA ASN A 108 3.60 -11.62 12.24
C ASN A 108 2.67 -11.71 11.05
N ALA A 109 2.03 -12.87 10.84
CA ALA A 109 1.10 -13.09 9.75
C ALA A 109 -0.21 -12.35 10.00
N LYS A 110 -0.41 -11.80 11.22
CA LYS A 110 -1.63 -11.07 11.55
C LYS A 110 -1.45 -9.58 11.20
N PRO A 111 -2.35 -8.99 10.38
CA PRO A 111 -2.20 -7.55 10.06
C PRO A 111 -2.51 -6.62 11.23
N GLY A 112 -3.29 -7.11 12.20
CA GLY A 112 -3.63 -6.41 13.43
C GLY A 112 -2.43 -6.25 14.35
N VAL A 113 -1.38 -7.06 14.14
CA VAL A 113 -0.16 -6.99 14.95
C VAL A 113 0.78 -6.02 14.24
N THR A 114 1.14 -4.92 14.91
CA THR A 114 1.95 -3.84 14.33
C THR A 114 3.34 -3.79 14.96
N HIS A 115 3.44 -4.29 16.21
CA HIS A 115 4.67 -4.32 16.97
C HIS A 115 4.84 -5.69 17.60
N ASN A 116 5.99 -6.31 17.37
CA ASN A 116 6.38 -7.61 17.92
C ASN A 116 7.84 -7.51 18.32
N TYR A 117 8.16 -7.93 19.54
CA TYR A 117 9.53 -7.84 20.08
C TYR A 117 9.91 -9.06 20.89
N LEU A 118 11.20 -9.43 20.74
CA LEU A 118 11.84 -10.46 21.57
C LEU A 118 12.36 -9.66 22.77
N ARG A 119 11.91 -10.00 23.99
CA ARG A 119 12.28 -9.29 25.20
C ARG A 119 13.06 -10.19 26.17
N GLU A 120 13.83 -9.59 27.10
CA GLU A 120 14.67 -10.31 28.07
C GLU A 120 13.92 -10.69 29.35
N HIS A 121 13.11 -11.77 29.28
CA HIS A 121 12.29 -12.27 30.40
C HIS A 121 11.75 -13.62 30.06
N ASP A 122 11.24 -14.35 31.08
CA ASP A 122 10.55 -15.63 30.92
C ASP A 122 9.42 -15.41 29.86
N TYR A 123 8.69 -14.27 29.98
CA TYR A 123 7.70 -13.82 28.99
C TYR A 123 8.56 -13.02 28.01
N ASN A 124 9.03 -13.70 26.97
CA ASN A 124 9.99 -13.17 26.00
C ASN A 124 9.39 -12.66 24.70
N ILE A 125 8.13 -13.00 24.40
CA ILE A 125 7.48 -12.52 23.18
C ILE A 125 6.38 -11.56 23.57
N TRP A 126 6.57 -10.29 23.23
CA TRP A 126 5.63 -9.20 23.50
C TRP A 126 5.16 -8.56 22.22
N PHE A 127 3.84 -8.52 22.03
CA PHE A 127 3.27 -7.94 20.83
C PHE A 127 1.97 -7.13 21.05
N THR A 128 1.70 -6.18 20.13
CA THR A 128 0.53 -5.33 20.14
C THR A 128 -0.49 -5.93 19.16
N LEU A 129 -1.76 -5.98 19.53
CA LEU A 129 -2.80 -6.49 18.65
C LEU A 129 -3.99 -5.54 18.63
N ILE A 130 -4.35 -5.08 17.42
CA ILE A 130 -5.48 -4.16 17.18
C ILE A 130 -6.55 -4.86 16.37
N SER A 131 -7.82 -4.72 16.76
CA SER A 131 -8.94 -5.32 16.03
C SER A 131 -10.26 -4.59 16.31
N PRO A 132 -11.34 -4.79 15.50
CA PRO A 132 -12.61 -4.12 15.79
C PRO A 132 -13.29 -4.40 17.14
N SER A 133 -12.95 -5.52 17.84
CA SER A 133 -13.59 -5.84 19.13
C SER A 133 -12.76 -6.77 20.01
N ARG A 134 -13.08 -6.78 21.31
CA ARG A 134 -12.40 -7.61 22.32
C ARG A 134 -12.58 -9.10 22.03
N GLU A 135 -13.71 -9.48 21.41
CA GLU A 135 -14.04 -10.84 21.04
C GLU A 135 -13.23 -11.31 19.83
N GLU A 136 -12.99 -10.43 18.84
CA GLU A 136 -12.21 -10.76 17.64
C GLU A 136 -10.73 -10.94 17.96
N THR A 137 -10.20 -10.08 18.84
CA THR A 137 -8.82 -10.09 19.36
C THR A 137 -8.57 -11.40 20.09
N GLN A 138 -9.54 -11.83 20.93
CA GLN A 138 -9.45 -13.08 21.69
C GLN A 138 -9.47 -14.27 20.76
N ALA A 139 -10.30 -14.24 19.72
CA ALA A 139 -10.38 -15.30 18.72
C ALA A 139 -9.07 -15.40 17.90
N ILE A 140 -8.45 -14.24 17.61
CA ILE A 140 -7.14 -14.23 16.92
C ILE A 140 -6.11 -14.91 17.84
N LEU A 141 -6.04 -14.52 19.15
CA LEU A 141 -5.09 -15.09 20.12
C LEU A 141 -5.27 -16.60 20.29
N ASP A 142 -6.53 -17.06 20.44
CA ASP A 142 -6.92 -18.46 20.58
C ASP A 142 -6.52 -19.26 19.33
N GLY A 143 -6.64 -18.63 18.16
CA GLY A 143 -6.25 -19.19 16.88
C GLY A 143 -4.76 -19.42 16.80
N ILE A 144 -3.95 -18.48 17.33
CA ILE A 144 -2.47 -18.58 17.42
C ILE A 144 -2.08 -19.74 18.37
N THR A 145 -2.68 -19.77 19.59
CA THR A 145 -2.43 -20.81 20.61
C THR A 145 -2.68 -22.21 20.03
N GLN A 146 -3.80 -22.35 19.30
CA GLN A 146 -4.25 -23.55 18.62
C GLN A 146 -3.20 -24.07 17.63
N ALA A 147 -2.59 -23.18 16.80
CA ALA A 147 -1.60 -23.52 15.79
C ALA A 147 -0.19 -23.81 16.33
N THR A 148 0.16 -23.21 17.47
CA THR A 148 1.51 -23.31 18.02
C THR A 148 1.63 -24.09 19.30
N GLY A 149 0.51 -24.28 20.01
CA GLY A 149 0.48 -24.95 21.31
C GLY A 149 0.94 -24.05 22.45
N VAL A 150 1.13 -22.73 22.19
CA VAL A 150 1.62 -21.75 23.17
C VAL A 150 0.51 -20.83 23.72
N PRO A 151 0.27 -20.81 25.06
CA PRO A 151 -0.77 -19.91 25.62
C PRO A 151 -0.30 -18.46 25.59
N ILE A 152 -1.25 -17.52 25.49
CA ILE A 152 -0.91 -16.08 25.40
C ILE A 152 -1.64 -15.28 26.47
N LEU A 153 -0.94 -14.31 27.10
CA LEU A 153 -1.56 -13.37 28.04
C LEU A 153 -2.11 -12.16 27.24
N ASN A 154 -3.41 -11.92 27.37
CA ASN A 154 -4.11 -10.81 26.73
C ASN A 154 -4.20 -9.74 27.81
N LEU A 155 -3.41 -8.66 27.67
CA LEU A 155 -3.32 -7.62 28.71
C LEU A 155 -3.80 -6.22 28.27
N PRO A 156 -5.11 -5.99 28.09
CA PRO A 156 -5.57 -4.63 27.71
C PRO A 156 -5.31 -3.61 28.82
N ALA A 157 -5.18 -2.35 28.44
CA ALA A 157 -5.01 -1.25 29.39
C ALA A 157 -6.40 -0.73 29.77
N THR A 158 -6.65 -0.62 31.07
CA THR A 158 -7.90 -0.10 31.63
C THR A 158 -7.74 1.38 32.01
N LYS A 159 -6.50 1.83 32.27
CA LYS A 159 -6.16 3.22 32.62
C LYS A 159 -4.91 3.66 31.88
N LEU A 160 -4.96 4.90 31.36
CA LEU A 160 -3.89 5.56 30.63
C LEU A 160 -3.46 6.79 31.39
N PHE A 161 -2.15 6.95 31.65
CA PHE A 161 -1.62 8.10 32.37
C PHE A 161 -0.72 8.96 31.47
N LYS A 162 -0.02 8.32 30.51
CA LYS A 162 0.88 8.99 29.56
C LYS A 162 0.91 8.29 28.19
N ILE A 163 0.82 9.10 27.10
CA ILE A 163 0.82 8.66 25.70
C ILE A 163 1.70 9.58 24.82
N ARG A 164 2.57 8.97 23.98
CA ARG A 164 3.48 9.70 23.08
C ARG A 164 2.97 9.77 21.63
N VAL A 165 2.94 11.00 21.07
CA VAL A 165 2.50 11.32 19.70
C VAL A 165 3.30 12.49 19.09
N ASP A 166 4.12 13.18 19.92
CA ASP A 166 4.96 14.33 19.51
C ASP A 166 6.33 13.89 18.99
N MET B 21 -16.08 -1.54 9.05
CA MET B 21 -16.09 -0.15 8.59
C MET B 21 -17.37 0.21 7.86
N SER B 22 -18.03 -0.79 7.24
CA SER B 22 -19.29 -0.69 6.50
C SER B 22 -20.46 -0.15 7.36
N HIS B 23 -20.38 -0.34 8.69
CA HIS B 23 -21.39 0.11 9.66
C HIS B 23 -21.38 1.61 9.98
N GLN B 24 -20.22 2.28 9.76
CA GLN B 24 -20.00 3.71 10.05
C GLN B 24 -19.89 4.51 8.77
N PHE B 25 -19.38 3.88 7.70
CA PHE B 25 -19.14 4.61 6.47
C PHE B 25 -19.62 3.95 5.23
N SER B 26 -20.10 4.78 4.30
CA SER B 26 -20.56 4.40 2.97
C SER B 26 -19.35 3.91 2.18
N PRO B 27 -19.54 3.11 1.09
CA PRO B 27 -18.38 2.69 0.27
C PRO B 27 -17.52 3.85 -0.28
N GLU B 28 -18.17 4.97 -0.66
CA GLU B 28 -17.53 6.19 -1.20
C GLU B 28 -16.70 6.87 -0.15
N GLU B 29 -17.20 6.92 1.11
CA GLU B 29 -16.51 7.49 2.24
C GLU B 29 -15.28 6.69 2.55
N GLN B 30 -15.41 5.36 2.57
CA GLN B 30 -14.29 4.43 2.78
C GLN B 30 -13.22 4.54 1.70
N ALA B 31 -13.64 4.86 0.46
CA ALA B 31 -12.72 5.06 -0.66
C ALA B 31 -11.87 6.34 -0.46
N VAL B 32 -12.50 7.41 0.04
CA VAL B 32 -11.78 8.65 0.37
C VAL B 32 -10.77 8.33 1.51
N LEU B 33 -11.25 7.64 2.54
CA LEU B 33 -10.45 7.29 3.71
C LEU B 33 -9.30 6.33 3.44
N ARG B 34 -9.44 5.42 2.44
CA ARG B 34 -8.37 4.49 2.04
C ARG B 34 -7.18 5.25 1.44
N ILE B 35 -7.47 6.37 0.75
CA ILE B 35 -6.45 7.22 0.13
C ILE B 35 -5.80 8.15 1.15
N VAL B 36 -6.61 8.89 1.93
CA VAL B 36 -6.07 9.83 2.93
C VAL B 36 -5.23 9.22 4.04
N GLN B 37 -5.41 7.92 4.31
CA GLN B 37 -4.61 7.21 5.31
C GLN B 37 -3.14 7.03 4.80
N ALA B 38 -2.94 7.10 3.46
CA ALA B 38 -1.65 7.06 2.79
C ALA B 38 -1.25 8.53 2.58
N ASN B 39 -1.55 9.11 1.41
CA ASN B 39 -1.19 10.50 1.11
C ASN B 39 -2.30 11.23 0.37
N LEU B 40 -2.37 12.55 0.56
CA LEU B 40 -3.32 13.40 -0.16
C LEU B 40 -2.82 13.46 -1.60
N PRO B 41 -3.70 13.42 -2.63
CA PRO B 41 -3.22 13.55 -4.03
C PRO B 41 -2.33 14.79 -4.20
N ASP B 42 -1.21 14.66 -4.91
CA ASP B 42 -0.23 15.74 -5.10
C ASP B 42 -0.63 16.81 -6.17
N SER B 43 -1.53 17.75 -5.78
CA SER B 43 -2.00 18.85 -6.64
C SER B 43 -2.59 20.05 -5.85
N LEU B 44 -2.89 21.12 -6.59
CA LEU B 44 -3.50 22.36 -6.12
C LEU B 44 -4.94 22.15 -5.61
N THR B 45 -5.65 21.16 -6.18
CA THR B 45 -7.02 20.79 -5.81
C THR B 45 -7.05 19.31 -5.30
N PRO B 46 -6.45 18.94 -4.14
CA PRO B 46 -6.49 17.51 -3.74
C PRO B 46 -7.86 16.94 -3.40
N TYR B 47 -8.82 17.78 -2.98
CA TYR B 47 -10.16 17.31 -2.60
C TYR B 47 -11.06 17.00 -3.76
N ALA B 48 -10.77 17.62 -4.91
CA ALA B 48 -11.45 17.43 -6.20
C ALA B 48 -10.92 16.12 -6.78
N ASP B 49 -9.62 15.85 -6.62
CA ASP B 49 -8.96 14.60 -7.06
C ASP B 49 -9.49 13.44 -6.24
N LEU B 50 -9.71 13.65 -4.92
CA LEU B 50 -10.29 12.64 -4.03
C LEU B 50 -11.71 12.36 -4.46
N ALA B 51 -12.50 13.41 -4.68
CA ALA B 51 -13.90 13.34 -5.12
C ALA B 51 -14.08 12.49 -6.37
N GLU B 52 -13.24 12.70 -7.41
CA GLU B 52 -13.32 11.93 -8.66
C GLU B 52 -12.87 10.48 -8.55
N GLN B 53 -11.88 10.19 -7.66
CA GLN B 53 -11.43 8.81 -7.47
C GLN B 53 -12.48 8.00 -6.67
N ALA B 54 -13.23 8.66 -5.78
CA ALA B 54 -14.18 7.99 -4.89
C ALA B 54 -15.64 7.93 -5.34
N GLY B 55 -16.07 8.85 -6.18
CA GLY B 55 -17.44 8.91 -6.67
C GLY B 55 -18.31 9.77 -5.78
N MET B 56 -17.76 10.93 -5.42
CA MET B 56 -18.34 11.92 -4.54
C MET B 56 -18.15 13.29 -5.12
N THR B 57 -18.71 14.32 -4.47
CA THR B 57 -18.41 15.70 -4.85
C THR B 57 -17.29 16.17 -3.90
N GLU B 58 -16.61 17.26 -4.28
CA GLU B 58 -15.54 17.90 -3.52
C GLU B 58 -16.08 18.37 -2.16
N ALA B 59 -17.28 18.96 -2.16
CA ALA B 59 -17.99 19.41 -0.96
C ALA B 59 -18.27 18.23 0.00
N GLN B 60 -18.68 17.06 -0.53
CA GLN B 60 -18.90 15.83 0.24
C GLN B 60 -17.59 15.30 0.89
N VAL B 61 -16.45 15.41 0.16
CA VAL B 61 -15.09 15.04 0.64
C VAL B 61 -14.75 15.92 1.85
N LEU B 62 -14.89 17.24 1.68
CA LEU B 62 -14.64 18.25 2.70
C LEU B 62 -15.53 18.07 3.90
N GLU B 63 -16.86 17.76 3.69
CA GLU B 63 -17.79 17.46 4.80
C GLU B 63 -17.36 16.19 5.54
N LEU B 64 -16.93 15.12 4.83
CA LEU B 64 -16.49 13.91 5.53
C LEU B 64 -15.21 14.20 6.35
N LEU B 65 -14.23 14.89 5.73
CA LEU B 65 -13.00 15.16 6.48
C LEU B 65 -13.20 16.12 7.64
N GLY B 66 -14.06 17.12 7.45
CA GLY B 66 -14.42 18.08 8.48
C GLY B 66 -15.12 17.45 9.66
N ARG B 67 -16.06 16.51 9.37
CA ARG B 67 -16.83 15.79 10.38
C ARG B 67 -15.96 14.93 11.32
N LEU B 68 -14.99 14.19 10.75
CA LEU B 68 -14.11 13.31 11.51
C LEU B 68 -13.04 14.06 12.27
N LYS B 69 -12.61 15.21 11.71
CA LYS B 69 -11.63 16.07 12.36
C LYS B 69 -12.31 16.72 13.59
N ALA B 70 -13.58 17.14 13.44
CA ALA B 70 -14.39 17.76 14.50
C ALA B 70 -14.70 16.79 15.63
N SER B 71 -15.01 15.51 15.31
CA SER B 71 -15.33 14.44 16.29
C SER B 71 -14.08 13.84 16.99
N GLY B 72 -12.92 14.06 16.40
CA GLY B 72 -11.67 13.51 16.90
C GLY B 72 -11.34 12.17 16.28
N ALA B 73 -12.15 11.70 15.30
CA ALA B 73 -11.90 10.40 14.61
C ALA B 73 -10.58 10.46 13.81
N ILE B 74 -10.31 11.64 13.24
CA ILE B 74 -9.06 12.04 12.61
C ILE B 74 -8.38 12.91 13.69
N ARG B 75 -7.35 12.39 14.34
CA ARG B 75 -6.57 13.07 15.36
C ARG B 75 -5.81 14.25 14.72
N ARG B 76 -5.28 14.04 13.50
CA ARG B 76 -4.52 15.06 12.77
C ARG B 76 -4.72 14.90 11.29
N PHE B 77 -5.08 15.99 10.61
CA PHE B 77 -5.18 16.00 9.16
C PHE B 77 -4.11 16.99 8.65
N GLY B 78 -2.96 16.45 8.29
CA GLY B 78 -1.86 17.26 7.80
C GLY B 78 -0.53 16.55 7.74
N ALA B 79 0.54 17.31 8.01
CA ALA B 79 1.92 16.83 7.90
C ALA B 79 2.51 16.13 9.09
N SER B 80 3.16 14.99 8.80
CA SER B 80 3.93 14.18 9.74
C SER B 80 5.38 14.60 9.45
N ILE B 81 6.06 15.18 10.44
CA ILE B 81 7.44 15.65 10.28
C ILE B 81 8.45 14.78 11.02
N LYS B 82 9.71 14.78 10.55
CA LYS B 82 10.80 14.03 11.18
C LYS B 82 11.05 14.56 12.61
N HIS B 83 10.57 13.78 13.61
CA HIS B 83 10.63 14.02 15.06
C HIS B 83 9.93 15.34 15.50
N GLN B 84 10.73 16.31 16.01
CA GLN B 84 10.38 17.66 16.49
C GLN B 84 11.69 18.35 16.90
N LYS B 85 12.40 17.73 17.88
CA LYS B 85 13.68 18.13 18.46
C LYS B 85 14.28 16.91 19.21
N THR B 86 14.06 15.69 18.65
CA THR B 86 14.50 14.42 19.22
C THR B 86 15.71 13.79 18.53
N GLY B 87 16.65 13.30 19.34
CA GLY B 87 17.88 12.65 18.91
C GLY B 87 17.85 11.15 19.16
N TRP B 88 18.67 10.68 20.13
CA TRP B 88 18.75 9.26 20.47
C TRP B 88 19.30 8.97 21.89
N THR B 89 19.06 7.77 22.47
CA THR B 89 18.28 6.64 21.92
C THR B 89 17.50 5.82 22.98
N HIS B 90 18.19 4.84 23.63
CA HIS B 90 17.74 3.87 24.66
C HIS B 90 16.30 3.89 25.16
N ASN B 91 15.63 2.74 25.02
CA ASN B 91 14.26 2.51 25.45
C ASN B 91 14.29 1.48 26.58
N ALA B 92 13.32 1.57 27.51
CA ALA B 92 13.21 0.62 28.64
C ALA B 92 11.75 0.35 29.03
N MET B 93 11.28 -0.88 28.76
CA MET B 93 9.92 -1.30 29.11
C MET B 93 9.97 -1.91 30.52
N VAL B 94 9.37 -1.22 31.49
CA VAL B 94 9.37 -1.74 32.86
C VAL B 94 7.97 -1.88 33.47
N ALA B 95 7.69 -3.09 33.96
CA ALA B 95 6.43 -3.47 34.57
C ALA B 95 6.59 -3.52 36.10
N TRP B 96 5.63 -2.91 36.85
CA TRP B 96 5.65 -2.80 38.33
C TRP B 96 4.43 -3.44 39.00
N LYS B 97 4.63 -3.95 40.24
CA LYS B 97 3.55 -4.49 41.07
C LYS B 97 2.83 -3.31 41.68
N VAL B 98 1.49 -3.36 41.72
CA VAL B 98 0.65 -2.25 42.19
C VAL B 98 -0.65 -2.81 42.77
N THR B 99 -1.09 -2.24 43.92
CA THR B 99 -2.35 -2.64 44.59
C THR B 99 -3.42 -1.62 44.13
N PRO B 100 -4.73 -1.99 44.02
CA PRO B 100 -5.72 -1.03 43.51
C PRO B 100 -5.74 0.38 44.10
N ASP B 101 -5.43 0.51 45.41
CA ASP B 101 -5.40 1.80 46.12
C ASP B 101 -4.23 2.70 45.66
N GLN B 102 -3.15 2.10 45.13
CA GLN B 102 -1.94 2.79 44.65
C GLN B 102 -2.03 3.26 43.18
N VAL B 103 -2.78 2.55 42.33
CA VAL B 103 -2.95 2.77 40.87
C VAL B 103 -2.93 4.23 40.39
N ASP B 104 -3.96 5.03 40.73
CA ASP B 104 -4.08 6.41 40.26
C ASP B 104 -2.92 7.29 40.71
N ASP B 105 -2.50 7.13 41.98
CA ASP B 105 -1.42 7.87 42.60
C ASP B 105 -0.08 7.53 41.92
N CYS B 106 0.25 6.23 41.82
CA CYS B 106 1.48 5.77 41.16
C CYS B 106 1.49 6.10 39.69
N GLY B 107 0.33 5.97 39.03
CA GLY B 107 0.16 6.27 37.60
C GLY B 107 0.49 7.73 37.29
N ARG B 108 -0.24 8.65 37.95
CA ARG B 108 -0.08 10.10 37.81
C ARG B 108 1.35 10.57 38.19
N LYS B 109 1.92 10.07 39.30
CA LYS B 109 3.27 10.44 39.74
C LYS B 109 4.39 9.99 38.77
N ALA B 110 4.36 8.68 38.35
CA ALA B 110 5.30 8.10 37.37
C ALA B 110 5.24 8.87 36.03
N ALA B 111 4.02 9.27 35.59
CA ALA B 111 3.79 10.02 34.34
C ALA B 111 4.32 11.46 34.39
N GLU B 112 4.55 12.02 35.60
CA GLU B 112 5.08 13.37 35.77
C GLU B 112 6.56 13.50 35.36
N HIS B 113 7.28 12.35 35.24
CA HIS B 113 8.69 12.26 34.84
C HIS B 113 8.89 12.59 33.35
N SER B 114 10.00 13.30 33.03
CA SER B 114 10.35 13.73 31.67
C SER B 114 10.77 12.58 30.74
N HIS B 115 11.48 11.58 31.27
CA HIS B 115 12.00 10.42 30.53
C HIS B 115 11.00 9.27 30.31
N ILE B 116 9.76 9.43 30.77
CA ILE B 116 8.74 8.39 30.61
C ILE B 116 7.69 8.85 29.57
N SER B 117 7.40 8.02 28.56
CA SER B 117 6.46 8.38 27.50
C SER B 117 5.12 7.65 27.59
N HIS B 118 5.11 6.46 28.19
CA HIS B 118 3.88 5.69 28.31
C HIS B 118 3.67 5.15 29.72
N VAL B 119 2.49 5.44 30.30
CA VAL B 119 2.09 4.88 31.60
C VAL B 119 0.71 4.20 31.45
N TYR B 120 0.69 2.86 31.49
CA TYR B 120 -0.50 2.05 31.38
C TYR B 120 -0.68 1.17 32.59
N TYR B 121 -1.94 0.93 32.93
CA TYR B 121 -2.37 -0.01 33.96
C TYR B 121 -3.08 -1.14 33.21
N ARG B 122 -2.48 -2.34 33.23
CA ARG B 122 -2.97 -3.50 32.50
C ARG B 122 -3.18 -4.67 33.47
N PRO B 123 -4.42 -4.83 34.03
CA PRO B 123 -4.67 -5.94 34.97
C PRO B 123 -4.24 -7.32 34.47
N SER B 124 -3.67 -8.14 35.39
CA SER B 124 -3.19 -9.48 35.13
C SER B 124 -3.66 -10.46 36.22
N SER B 125 -4.36 -11.53 35.80
CA SER B 125 -4.88 -12.62 36.64
C SER B 125 -3.91 -13.81 36.57
N ALA B 126 -2.82 -13.67 35.75
CA ALA B 126 -1.78 -14.67 35.56
C ALA B 126 -0.92 -14.80 36.83
N PRO B 127 -0.91 -16.00 37.47
CA PRO B 127 -0.14 -16.17 38.72
C PRO B 127 1.34 -15.84 38.59
N ASP B 128 2.00 -16.24 37.48
CA ASP B 128 3.43 -15.96 37.26
C ASP B 128 3.76 -14.58 36.64
N TRP B 129 2.75 -13.71 36.44
CA TRP B 129 2.94 -12.35 35.93
C TRP B 129 2.16 -11.38 36.80
N PRO B 130 2.80 -10.87 37.89
CA PRO B 130 2.06 -10.02 38.83
C PRO B 130 2.19 -8.51 38.61
N TYR B 131 2.91 -8.12 37.55
CA TYR B 131 3.18 -6.73 37.20
C TYR B 131 2.04 -6.15 36.33
N GLU B 132 1.50 -4.97 36.73
CA GLU B 132 0.34 -4.35 36.07
C GLU B 132 0.50 -2.87 35.71
N MET B 133 1.50 -2.16 36.26
CA MET B 133 1.74 -0.75 35.94
C MET B 133 2.94 -0.75 35.00
N TYR B 134 2.78 -0.15 33.80
CA TYR B 134 3.84 -0.16 32.78
C TYR B 134 4.34 1.21 32.49
N THR B 135 5.68 1.39 32.61
CA THR B 135 6.32 2.66 32.33
C THR B 135 7.30 2.49 31.15
N MET B 136 7.13 3.26 30.05
CA MET B 136 8.09 3.17 28.95
C MET B 136 9.11 4.28 29.17
N ILE B 137 10.37 3.89 29.46
CA ILE B 137 11.47 4.79 29.79
C ILE B 137 12.39 5.09 28.60
N HIS B 138 12.84 6.36 28.49
CA HIS B 138 13.71 6.87 27.43
C HIS B 138 15.03 7.53 27.94
N GLY B 139 15.76 8.16 27.02
CA GLY B 139 17.04 8.85 27.28
C GLY B 139 18.19 8.37 26.43
N ARG B 140 19.39 8.27 27.04
CA ARG B 140 20.65 7.81 26.43
C ARG B 140 21.07 6.50 27.13
N SER B 141 22.37 6.35 27.50
CA SER B 141 23.00 5.20 28.16
C SER B 141 22.11 4.31 29.05
N GLU B 142 22.34 2.98 28.99
CA GLU B 142 21.68 1.93 29.78
C GLU B 142 21.50 2.35 31.27
N ALA B 143 22.55 2.95 31.87
CA ALA B 143 22.56 3.42 33.26
C ALA B 143 21.62 4.62 33.52
N GLU B 144 21.35 5.46 32.50
CA GLU B 144 20.43 6.61 32.61
C GLU B 144 18.98 6.11 32.67
N CYS B 145 18.70 5.00 31.97
CA CYS B 145 17.39 4.36 31.95
C CYS B 145 17.17 3.69 33.29
N LEU B 146 18.23 3.06 33.84
CA LEU B 146 18.24 2.43 35.17
C LEU B 146 18.13 3.50 36.28
N GLY B 147 18.50 4.73 35.94
CA GLY B 147 18.44 5.88 36.85
C GLY B 147 17.03 6.40 37.04
N VAL B 148 16.22 6.40 35.96
CA VAL B 148 14.80 6.80 35.92
C VAL B 148 14.01 5.76 36.73
N VAL B 149 14.50 4.49 36.71
CA VAL B 149 13.94 3.36 37.47
C VAL B 149 14.16 3.63 38.95
N GLU B 150 15.30 4.26 39.30
CA GLU B 150 15.60 4.65 40.69
C GLU B 150 14.82 5.90 41.08
N ASP B 151 14.57 6.81 40.10
CA ASP B 151 13.77 8.03 40.28
C ASP B 151 12.32 7.69 40.60
N VAL B 152 11.74 6.67 39.91
CA VAL B 152 10.36 6.20 40.11
C VAL B 152 10.26 5.59 41.52
N LYS B 153 11.28 4.81 41.95
CA LYS B 153 11.31 4.20 43.27
C LYS B 153 11.33 5.22 44.41
N ARG B 154 12.03 6.35 44.24
CA ARG B 154 12.04 7.38 45.29
C ARG B 154 10.85 8.31 45.26
N THR B 155 10.22 8.50 44.09
CA THR B 155 9.08 9.41 43.96
C THR B 155 7.67 8.79 44.02
N THR B 156 7.58 7.44 44.07
CA THR B 156 6.30 6.72 44.11
C THR B 156 6.42 5.60 45.11
N SER B 157 5.31 4.91 45.39
CA SER B 157 5.26 3.76 46.28
C SER B 157 5.59 2.45 45.52
N LEU B 158 5.87 2.55 44.19
CA LEU B 158 6.25 1.40 43.34
C LEU B 158 7.64 0.90 43.75
N LYS B 159 7.75 -0.41 44.00
CA LYS B 159 8.97 -1.08 44.44
C LYS B 159 9.37 -2.22 43.48
N GLU B 160 8.63 -3.34 43.56
CA GLU B 160 8.90 -4.56 42.79
C GLU B 160 8.56 -4.37 41.33
N HIS B 161 9.48 -4.80 40.46
CA HIS B 161 9.39 -4.59 39.02
C HIS B 161 10.12 -5.63 38.20
N ALA B 162 9.87 -5.61 36.88
CA ALA B 162 10.52 -6.46 35.89
C ALA B 162 10.93 -5.62 34.69
N ILE B 163 12.23 -5.63 34.36
CA ILE B 163 12.77 -4.92 33.19
C ILE B 163 12.64 -5.84 31.98
N LEU B 164 11.91 -5.39 30.96
CA LEU B 164 11.67 -6.15 29.74
C LEU B 164 12.50 -5.51 28.64
N ARG B 165 13.82 -5.76 28.69
CA ARG B 165 14.81 -5.26 27.72
C ARG B 165 14.56 -5.82 26.31
N SER B 166 14.44 -4.92 25.29
CA SER B 166 14.25 -5.34 23.89
C SER B 166 15.53 -5.98 23.36
N LEU B 167 15.43 -7.22 22.90
CA LEU B 167 16.55 -7.96 22.33
C LEU B 167 16.46 -7.92 20.81
N LYS B 168 15.23 -8.02 20.24
CA LYS B 168 15.03 -8.01 18.78
C LYS B 168 13.66 -7.49 18.36
N GLU B 169 13.64 -6.55 17.40
CA GLU B 169 12.42 -5.99 16.83
C GLU B 169 11.97 -6.96 15.73
N LEU B 170 10.88 -7.69 15.97
CA LEU B 170 10.42 -8.70 15.02
C LEU B 170 9.45 -8.21 13.95
N LYS B 171 8.71 -7.14 14.26
CA LYS B 171 7.76 -6.50 13.34
C LYS B 171 7.53 -5.07 13.80
N LYS B 172 7.52 -4.13 12.86
CA LYS B 172 7.26 -2.71 13.09
C LYS B 172 6.51 -2.24 11.87
N THR B 173 5.23 -2.16 12.02
CA THR B 173 4.31 -1.83 10.96
C THR B 173 3.34 -0.73 11.44
N SER B 174 2.57 -0.16 10.53
CA SER B 174 1.54 0.81 10.87
C SER B 174 0.20 0.11 10.63
N MET B 175 -0.80 0.39 11.46
CA MET B 175 -2.13 -0.20 11.34
C MET B 175 -2.90 0.37 10.12
N THR B 176 -3.53 -0.49 9.32
CA THR B 176 -4.36 -0.06 8.19
C THR B 176 -5.81 -0.19 8.63
N TYR B 177 -6.46 0.93 8.95
CA TYR B 177 -7.85 0.89 9.41
C TYR B 177 -8.84 0.69 8.28
N PHE B 178 -8.46 1.14 7.07
CA PHE B 178 -9.32 1.05 5.90
C PHE B 178 -8.75 0.14 4.85
N THR B 179 -9.33 -1.04 4.76
CA THR B 179 -8.92 -2.05 3.80
C THR B 179 -10.08 -2.17 2.80
N ASP C 24 13.69 -28.95 -1.52
CA ASP C 24 13.87 -28.07 -2.69
C ASP C 24 13.24 -28.62 -3.96
N SER C 25 13.40 -29.94 -4.24
CA SER C 25 12.74 -30.58 -5.39
C SER C 25 11.22 -30.60 -5.10
N MET C 26 10.87 -30.63 -3.80
CA MET C 26 9.51 -30.56 -3.27
C MET C 26 9.00 -29.09 -3.42
N ASP C 27 9.89 -28.11 -3.15
CA ASP C 27 9.63 -26.66 -3.28
C ASP C 27 9.34 -26.27 -4.74
N ARG C 28 10.02 -26.96 -5.70
CA ARG C 28 9.86 -26.75 -7.15
C ARG C 28 8.52 -27.30 -7.61
N GLN C 29 8.09 -28.44 -7.04
CA GLN C 29 6.79 -29.02 -7.36
C GLN C 29 5.69 -28.13 -6.80
N LEU C 30 5.81 -27.78 -5.49
CA LEU C 30 4.88 -26.87 -4.80
C LEU C 30 4.75 -25.56 -5.60
N LEU C 31 5.89 -24.92 -5.95
CA LEU C 31 5.90 -23.70 -6.74
C LEU C 31 5.24 -23.83 -8.10
N ASP C 32 5.51 -24.91 -8.83
CA ASP C 32 4.88 -25.11 -10.14
C ASP C 32 3.33 -25.27 -10.04
N ILE C 33 2.84 -25.95 -8.99
CA ILE C 33 1.40 -26.08 -8.82
C ILE C 33 0.79 -24.70 -8.45
N ILE C 34 1.39 -24.00 -7.48
CA ILE C 34 0.82 -22.74 -6.99
C ILE C 34 0.87 -21.54 -7.94
N GLN C 35 1.78 -21.56 -8.95
CA GLN C 35 1.86 -20.51 -9.97
C GLN C 35 0.67 -20.66 -10.92
N THR C 36 0.42 -21.90 -11.41
CA THR C 36 -0.68 -22.16 -12.35
C THR C 36 -2.04 -22.07 -11.65
N GLY C 37 -2.10 -22.51 -10.40
CA GLY C 37 -3.34 -22.45 -9.65
C GLY C 37 -3.22 -22.89 -8.21
N PHE C 38 -3.41 -21.94 -7.29
CA PHE C 38 -3.44 -22.16 -5.85
C PHE C 38 -4.90 -22.63 -5.58
N PRO C 39 -5.13 -23.70 -4.79
CA PRO C 39 -6.50 -24.21 -4.64
C PRO C 39 -7.59 -23.28 -4.09
N LEU C 40 -8.73 -23.29 -4.78
CA LEU C 40 -9.89 -22.54 -4.35
C LEU C 40 -10.79 -23.46 -3.52
N SER C 41 -10.33 -23.80 -2.31
CA SER C 41 -11.05 -24.70 -1.39
C SER C 41 -10.92 -24.26 0.08
N PRO C 42 -11.78 -24.71 1.02
CA PRO C 42 -11.65 -24.24 2.42
C PRO C 42 -10.28 -24.41 3.12
N ARG C 43 -9.57 -25.53 2.89
CA ARG C 43 -8.23 -25.80 3.46
C ARG C 43 -7.24 -26.00 2.30
N PRO C 44 -6.82 -24.93 1.58
CA PRO C 44 -5.99 -25.13 0.38
C PRO C 44 -4.62 -25.77 0.60
N TYR C 45 -4.02 -25.60 1.80
CA TYR C 45 -2.72 -26.20 2.14
C TYR C 45 -2.82 -27.69 2.35
N ALA C 46 -4.01 -28.18 2.82
CA ALA C 46 -4.33 -29.61 2.98
C ALA C 46 -4.55 -30.22 1.57
N GLU C 47 -5.26 -29.48 0.68
CA GLU C 47 -5.50 -29.89 -0.71
C GLU C 47 -4.15 -30.06 -1.43
N LEU C 48 -3.20 -29.12 -1.17
CA LEU C 48 -1.83 -29.13 -1.69
C LEU C 48 -1.05 -30.24 -1.04
N GLY C 49 -1.27 -30.45 0.26
CA GLY C 49 -0.65 -31.52 1.03
C GLY C 49 -0.97 -32.92 0.51
N GLN C 50 -2.20 -33.14 0.01
CA GLN C 50 -2.65 -34.42 -0.56
C GLN C 50 -2.11 -34.62 -1.98
N ARG C 51 -1.78 -33.53 -2.67
CA ARG C 51 -1.19 -33.56 -4.02
C ARG C 51 0.31 -33.83 -3.96
N LEU C 52 0.98 -33.33 -2.91
CA LEU C 52 2.43 -33.40 -2.70
C LEU C 52 2.95 -34.49 -1.77
N GLY C 53 2.06 -35.13 -1.01
CA GLY C 53 2.48 -36.12 -0.01
C GLY C 53 3.08 -35.45 1.21
N LEU C 54 2.55 -34.27 1.55
CA LEU C 54 3.00 -33.45 2.67
C LEU C 54 1.86 -33.14 3.64
N ASP C 55 2.22 -32.72 4.86
CA ASP C 55 1.29 -32.30 5.90
C ASP C 55 0.90 -30.85 5.60
N GLU C 56 -0.35 -30.47 5.94
CA GLU C 56 -0.94 -29.14 5.75
C GLU C 56 -0.06 -27.99 6.25
N GLN C 57 0.41 -28.10 7.51
CA GLN C 57 1.28 -27.10 8.14
C GLN C 57 2.65 -27.02 7.45
N GLU C 58 3.19 -28.16 6.99
CA GLU C 58 4.45 -28.19 6.26
C GLU C 58 4.34 -27.42 4.94
N VAL C 59 3.21 -27.56 4.22
CA VAL C 59 2.98 -26.83 2.96
C VAL C 59 2.98 -25.31 3.23
N LEU C 60 2.29 -24.89 4.31
CA LEU C 60 2.21 -23.49 4.73
C LEU C 60 3.59 -22.95 5.06
N ASP C 61 4.38 -23.74 5.84
CA ASP C 61 5.76 -23.40 6.24
C ASP C 61 6.66 -23.24 5.00
N ARG C 62 6.47 -24.11 3.99
CA ARG C 62 7.25 -24.07 2.74
C ARG C 62 6.86 -22.87 1.87
N VAL C 63 5.54 -22.51 1.81
CA VAL C 63 5.05 -21.34 1.05
C VAL C 63 5.59 -20.06 1.70
N ARG C 64 5.60 -20.02 3.05
CA ARG C 64 6.12 -18.91 3.86
C ARG C 64 7.61 -18.71 3.62
N GLY C 65 8.34 -19.82 3.48
CA GLY C 65 9.77 -19.84 3.21
C GLY C 65 10.11 -19.28 1.84
N LEU C 66 9.33 -19.67 0.80
CA LEU C 66 9.49 -19.20 -0.59
C LEU C 66 9.21 -17.71 -0.70
N LYS C 67 8.30 -17.21 0.15
CA LYS C 67 7.95 -15.80 0.24
C LYS C 67 9.04 -15.04 1.03
N ALA C 68 9.54 -15.61 2.14
CA ALA C 68 10.61 -15.04 2.96
C ALA C 68 11.93 -14.92 2.15
N ARG C 69 12.13 -15.84 1.18
CA ARG C 69 13.31 -15.89 0.30
C ARG C 69 13.12 -15.04 -0.96
N LYS C 70 11.96 -14.37 -1.06
CA LYS C 70 11.57 -13.51 -2.18
C LYS C 70 11.46 -14.26 -3.54
N ILE C 71 11.27 -15.60 -3.51
CA ILE C 71 11.03 -16.43 -4.70
C ILE C 71 9.59 -16.11 -5.12
N ILE C 72 8.66 -16.07 -4.13
CA ILE C 72 7.28 -15.64 -4.34
C ILE C 72 7.24 -14.15 -3.92
N ARG C 73 6.70 -13.32 -4.82
CA ARG C 73 6.55 -11.88 -4.62
C ARG C 73 5.16 -11.57 -4.10
N ARG C 74 4.14 -12.28 -4.62
CA ARG C 74 2.73 -12.08 -4.32
C ARG C 74 1.93 -13.39 -4.50
N LEU C 75 0.87 -13.59 -3.69
CA LEU C 75 -0.02 -14.75 -3.79
C LEU C 75 -1.46 -14.24 -3.77
N GLY C 76 -2.08 -14.19 -4.94
CA GLY C 76 -3.45 -13.71 -5.09
C GLY C 76 -3.92 -13.70 -6.53
N ALA C 77 -4.93 -12.88 -6.82
CA ALA C 77 -5.53 -12.77 -8.17
C ALA C 77 -4.77 -11.86 -9.11
N ASN C 78 -4.91 -12.15 -10.40
CA ASN C 78 -4.36 -11.41 -11.56
C ASN C 78 -5.54 -11.33 -12.48
N PHE C 79 -6.02 -10.12 -12.72
CA PHE C 79 -7.22 -9.87 -13.50
C PHE C 79 -6.98 -9.61 -15.00
N GLN C 80 -8.06 -9.70 -15.79
CA GLN C 80 -8.09 -9.39 -17.23
C GLN C 80 -8.91 -8.10 -17.33
N SER C 81 -8.25 -6.97 -17.64
CA SER C 81 -8.88 -5.64 -17.67
C SER C 81 -10.19 -5.54 -18.44
N ALA C 82 -10.24 -6.09 -19.68
CA ALA C 82 -11.41 -6.08 -20.55
C ALA C 82 -12.58 -6.83 -19.94
N LYS C 83 -12.30 -7.94 -19.24
CA LYS C 83 -13.34 -8.75 -18.60
C LYS C 83 -13.92 -8.08 -17.36
N LEU C 84 -13.20 -7.09 -16.80
CA LEU C 84 -13.70 -6.31 -15.67
C LEU C 84 -14.44 -5.06 -16.19
N GLY C 85 -14.46 -4.88 -17.50
CA GLY C 85 -15.09 -3.73 -18.14
C GLY C 85 -14.16 -2.54 -18.31
N PHE C 86 -12.84 -2.74 -18.16
CA PHE C 86 -11.84 -1.67 -18.31
C PHE C 86 -11.36 -1.51 -19.74
N VAL C 87 -11.15 -0.26 -20.17
CA VAL C 87 -10.61 0.05 -21.49
C VAL C 87 -9.23 0.71 -21.36
N SER C 88 -8.38 0.46 -22.35
CA SER C 88 -7.05 1.02 -22.31
C SER C 88 -6.80 1.88 -23.52
N THR C 89 -5.86 2.82 -23.38
CA THR C 89 -5.44 3.69 -24.47
C THR C 89 -3.97 4.13 -24.34
N LEU C 90 -3.40 4.58 -25.48
CA LEU C 90 -2.06 5.12 -25.55
C LEU C 90 -2.26 6.63 -25.82
N CYS C 91 -1.52 7.47 -25.08
CA CYS C 91 -1.66 8.91 -25.17
C CYS C 91 -0.32 9.56 -25.52
N ALA C 92 -0.37 10.64 -26.31
CA ALA C 92 0.80 11.38 -26.81
C ALA C 92 0.52 12.86 -26.81
N ALA C 93 1.55 13.66 -26.52
CA ALA C 93 1.47 15.12 -26.49
C ALA C 93 2.83 15.73 -26.89
N LYS C 94 2.79 16.94 -27.49
CA LYS C 94 3.98 17.71 -27.84
C LYS C 94 4.12 18.67 -26.69
N VAL C 95 4.91 18.31 -25.67
CA VAL C 95 4.99 19.12 -24.43
C VAL C 95 6.05 20.21 -24.43
N PRO C 96 5.65 21.52 -24.42
CA PRO C 96 6.67 22.58 -24.36
C PRO C 96 7.38 22.61 -23.01
N GLN C 97 8.68 22.96 -23.03
CA GLN C 97 9.59 23.04 -21.89
C GLN C 97 9.00 23.80 -20.68
N ASP C 98 8.34 24.94 -20.92
CA ASP C 98 7.71 25.77 -19.88
C ASP C 98 6.48 25.08 -19.22
N LYS C 99 5.91 24.08 -19.92
CA LYS C 99 4.75 23.29 -19.49
C LYS C 99 5.09 21.88 -18.98
N MET C 100 6.36 21.45 -19.17
CA MET C 100 6.84 20.11 -18.80
C MET C 100 6.57 19.63 -17.36
N ASP C 101 7.05 20.39 -16.35
CA ASP C 101 6.88 20.05 -14.93
C ASP C 101 5.44 19.84 -14.54
N ALA C 102 4.56 20.80 -14.94
CA ALA C 102 3.15 20.72 -14.61
C ALA C 102 2.44 19.55 -15.33
N PHE C 103 2.79 19.32 -16.60
CA PHE C 103 2.22 18.24 -17.41
C PHE C 103 2.56 16.86 -16.84
N VAL C 104 3.85 16.63 -16.46
CA VAL C 104 4.33 15.35 -15.89
C VAL C 104 3.67 15.07 -14.54
N ALA C 105 3.58 16.09 -13.68
CA ALA C 105 2.97 15.98 -12.36
C ALA C 105 1.48 15.57 -12.49
N GLU C 106 0.75 16.22 -13.42
CA GLU C 106 -0.64 15.98 -13.78
C GLU C 106 -0.87 14.52 -14.23
N VAL C 107 -0.05 14.02 -15.17
CA VAL C 107 -0.13 12.67 -15.74
C VAL C 107 0.18 11.61 -14.68
N ASN C 108 1.33 11.74 -13.98
CA ASN C 108 1.76 10.82 -12.92
C ASN C 108 0.78 10.70 -11.76
N ALA C 109 0.04 11.77 -11.45
CA ALA C 109 -0.96 11.79 -10.36
C ALA C 109 -2.17 10.90 -10.62
N LYS C 110 -2.43 10.51 -11.90
CA LYS C 110 -3.56 9.66 -12.27
C LYS C 110 -3.29 8.19 -11.95
N PRO C 111 -4.10 7.54 -11.06
CA PRO C 111 -3.87 6.10 -10.78
C PRO C 111 -4.04 5.19 -12.00
N GLY C 112 -4.84 5.62 -12.97
CA GLY C 112 -5.03 4.90 -14.23
C GLY C 112 -3.82 4.97 -15.16
N VAL C 113 -2.91 5.95 -14.97
CA VAL C 113 -1.67 6.06 -15.75
C VAL C 113 -0.66 5.10 -15.10
N THR C 114 -0.27 4.05 -15.83
CA THR C 114 0.63 2.97 -15.40
C THR C 114 2.04 3.08 -15.99
N HIS C 115 2.16 3.71 -17.17
CA HIS C 115 3.42 3.89 -17.89
C HIS C 115 3.43 5.29 -18.50
N ASN C 116 4.46 6.08 -18.19
CA ASN C 116 4.69 7.43 -18.71
C ASN C 116 6.15 7.51 -19.15
N TYR C 117 6.39 7.93 -20.39
CA TYR C 117 7.74 7.99 -20.96
C TYR C 117 8.03 9.28 -21.72
N LEU C 118 9.25 9.83 -21.50
CA LEU C 118 9.76 10.95 -22.28
C LEU C 118 10.41 10.27 -23.50
N ARG C 119 10.01 10.68 -24.71
CA ARG C 119 10.50 10.10 -25.97
C ARG C 119 11.21 11.12 -26.86
N GLU C 120 12.06 10.65 -27.78
CA GLU C 120 12.88 11.48 -28.67
C GLU C 120 12.11 11.91 -29.96
N HIS C 121 11.06 12.70 -29.80
CA HIS C 121 10.25 13.14 -30.93
C HIS C 121 9.52 14.42 -30.52
N ASP C 122 8.94 15.15 -31.50
CA ASP C 122 8.14 16.33 -31.19
C ASP C 122 7.02 15.91 -30.24
N TYR C 123 6.44 14.69 -30.42
CA TYR C 123 5.52 14.07 -29.46
C TYR C 123 6.45 13.44 -28.44
N ASN C 124 6.79 14.22 -27.42
CA ASN C 124 7.80 13.84 -26.45
C ASN C 124 7.33 13.11 -25.21
N ILE C 125 6.03 13.19 -24.86
CA ILE C 125 5.47 12.47 -23.71
C ILE C 125 4.43 11.44 -24.19
N TRP C 126 4.69 10.15 -23.91
CA TRP C 126 3.83 9.03 -24.25
C TRP C 126 3.41 8.29 -23.00
N PHE C 127 2.10 8.15 -22.79
CA PHE C 127 1.60 7.42 -21.62
C PHE C 127 0.42 6.49 -21.91
N THR C 128 0.24 5.49 -21.06
CA THR C 128 -0.87 4.52 -21.14
C THR C 128 -1.89 4.89 -20.08
N LEU C 129 -3.19 4.89 -20.44
CA LEU C 129 -4.27 5.23 -19.51
C LEU C 129 -5.36 4.16 -19.56
N ILE C 130 -5.65 3.58 -18.39
CA ILE C 130 -6.66 2.54 -18.16
C ILE C 130 -7.76 3.15 -17.27
N SER C 131 -9.03 2.99 -17.67
CA SER C 131 -10.20 3.50 -16.92
C SER C 131 -11.44 2.63 -17.20
N PRO C 132 -12.56 2.75 -16.42
CA PRO C 132 -13.72 1.88 -16.70
C PRO C 132 -14.40 2.14 -18.04
N SER C 133 -14.29 3.37 -18.59
CA SER C 133 -14.93 3.69 -19.87
C SER C 133 -14.12 4.66 -20.71
N ARG C 134 -14.45 4.74 -22.00
CA ARG C 134 -13.85 5.63 -23.00
C ARG C 134 -14.09 7.11 -22.64
N GLU C 135 -15.33 7.44 -22.22
CA GLU C 135 -15.75 8.78 -21.79
C GLU C 135 -15.01 9.16 -20.52
N GLU C 136 -14.82 8.22 -19.57
CA GLU C 136 -14.04 8.46 -18.34
C GLU C 136 -12.60 8.83 -18.68
N THR C 137 -11.97 8.11 -19.64
CA THR C 137 -10.60 8.33 -20.12
C THR C 137 -10.49 9.71 -20.77
N GLN C 138 -11.45 10.03 -21.67
CA GLN C 138 -11.49 11.31 -22.37
C GLN C 138 -11.66 12.48 -21.39
N ALA C 139 -12.44 12.29 -20.30
CA ALA C 139 -12.65 13.31 -19.26
C ALA C 139 -11.36 13.57 -18.48
N ILE C 140 -10.59 12.49 -18.17
CA ILE C 140 -9.29 12.58 -17.49
C ILE C 140 -8.33 13.44 -18.32
N LEU C 141 -8.26 13.17 -19.64
CA LEU C 141 -7.41 13.87 -20.61
C LEU C 141 -7.82 15.31 -20.86
N ASP C 142 -9.15 15.60 -20.96
CA ASP C 142 -9.68 16.95 -21.15
C ASP C 142 -9.33 17.82 -19.95
N GLY C 143 -9.40 17.21 -18.75
CA GLY C 143 -9.00 17.79 -17.47
C GLY C 143 -7.54 18.21 -17.44
N ILE C 144 -6.60 17.32 -17.88
CA ILE C 144 -5.16 17.58 -17.96
C ILE C 144 -4.89 18.70 -18.98
N THR C 145 -5.58 18.65 -20.15
CA THR C 145 -5.47 19.66 -21.20
C THR C 145 -5.94 21.03 -20.64
N GLN C 146 -7.06 21.04 -19.90
CA GLN C 146 -7.63 22.24 -19.28
C GLN C 146 -6.66 22.84 -18.24
N ALA C 147 -6.10 21.97 -17.37
CA ALA C 147 -5.19 22.36 -16.30
C ALA C 147 -3.82 22.85 -16.75
N THR C 148 -3.34 22.42 -17.94
CA THR C 148 -1.99 22.76 -18.41
C THR C 148 -1.91 23.49 -19.75
N GLY C 149 -3.02 23.50 -20.49
CA GLY C 149 -3.07 24.10 -21.82
C GLY C 149 -2.43 23.22 -22.89
N VAL C 150 -2.08 21.96 -22.53
CA VAL C 150 -1.42 21.04 -23.46
C VAL C 150 -2.40 20.02 -24.05
N PRO C 151 -2.73 20.12 -25.36
CA PRO C 151 -3.63 19.11 -25.96
C PRO C 151 -2.94 17.72 -26.03
N ILE C 152 -3.78 16.66 -25.89
CA ILE C 152 -3.32 15.29 -25.88
C ILE C 152 -3.99 14.48 -27.00
N LEU C 153 -3.21 13.66 -27.68
CA LEU C 153 -3.65 12.75 -28.71
C LEU C 153 -4.07 11.43 -28.00
N ASN C 154 -5.32 11.05 -28.16
CA ASN C 154 -5.90 9.87 -27.56
C ASN C 154 -5.90 8.84 -28.67
N LEU C 155 -5.07 7.79 -28.52
CA LEU C 155 -4.83 6.82 -29.60
C LEU C 155 -5.23 5.38 -29.24
N PRO C 156 -6.54 5.05 -29.11
CA PRO C 156 -6.89 3.67 -28.75
C PRO C 156 -6.65 2.71 -29.90
N ALA C 157 -6.36 1.46 -29.54
CA ALA C 157 -6.15 0.39 -30.49
C ALA C 157 -7.53 -0.11 -30.96
N THR C 158 -7.68 -0.19 -32.26
CA THR C 158 -8.89 -0.63 -32.94
C THR C 158 -8.71 -2.12 -33.34
N LYS C 159 -7.45 -2.53 -33.51
CA LYS C 159 -7.07 -3.86 -33.91
C LYS C 159 -5.79 -4.25 -33.22
N LEU C 160 -5.70 -5.54 -32.85
CA LEU C 160 -4.54 -6.13 -32.18
C LEU C 160 -4.11 -7.34 -32.97
N PHE C 161 -2.80 -7.49 -33.16
CA PHE C 161 -2.24 -8.60 -33.91
C PHE C 161 -1.38 -9.53 -33.04
N LYS C 162 -0.75 -8.99 -31.96
CA LYS C 162 0.10 -9.69 -30.96
C LYS C 162 -0.17 -11.21 -30.77
N HIS D 23 -23.94 -7.13 -13.14
CA HIS D 23 -23.80 -5.77 -13.66
C HIS D 23 -22.52 -5.05 -13.15
N GLN D 24 -22.23 -5.20 -11.83
CA GLN D 24 -21.12 -4.59 -11.09
C GLN D 24 -20.63 -5.59 -9.99
N PHE D 25 -20.10 -5.07 -8.87
CA PHE D 25 -19.67 -5.84 -7.69
C PHE D 25 -20.24 -5.17 -6.47
N SER D 26 -20.71 -5.98 -5.51
CA SER D 26 -21.29 -5.47 -4.28
C SER D 26 -20.17 -4.98 -3.35
N PRO D 27 -20.43 -4.06 -2.39
CA PRO D 27 -19.34 -3.62 -1.49
C PRO D 27 -18.56 -4.77 -0.85
N GLU D 28 -19.27 -5.86 -0.45
CA GLU D 28 -18.67 -7.05 0.17
C GLU D 28 -17.75 -7.76 -0.81
N GLU D 29 -18.19 -7.86 -2.08
CA GLU D 29 -17.43 -8.48 -3.17
C GLU D 29 -16.13 -7.71 -3.44
N GLN D 30 -16.22 -6.37 -3.52
CA GLN D 30 -15.08 -5.45 -3.71
C GLN D 30 -14.08 -5.55 -2.56
N ALA D 31 -14.59 -5.70 -1.31
CA ALA D 31 -13.73 -5.86 -0.14
C ALA D 31 -12.87 -7.14 -0.26
N VAL D 32 -13.44 -8.24 -0.80
CA VAL D 32 -12.71 -9.50 -1.06
C VAL D 32 -11.61 -9.20 -2.10
N LEU D 33 -12.02 -8.59 -3.20
CA LEU D 33 -11.17 -8.29 -4.36
C LEU D 33 -10.03 -7.32 -4.10
N ARG D 34 -10.22 -6.35 -3.18
CA ARG D 34 -9.19 -5.41 -2.77
C ARG D 34 -8.04 -6.13 -2.03
N ILE D 35 -8.35 -7.16 -1.23
CA ILE D 35 -7.31 -7.90 -0.49
C ILE D 35 -6.55 -8.82 -1.46
N VAL D 36 -7.33 -9.60 -2.21
CA VAL D 36 -6.89 -10.63 -3.16
C VAL D 36 -6.05 -10.07 -4.32
N GLN D 37 -6.25 -8.79 -4.72
CA GLN D 37 -5.44 -8.16 -5.77
C GLN D 37 -3.98 -7.96 -5.30
N ALA D 38 -3.75 -7.97 -3.99
CA ALA D 38 -2.43 -7.88 -3.39
C ALA D 38 -2.08 -9.30 -2.93
N ASN D 39 -2.33 -9.63 -1.65
CA ASN D 39 -2.05 -10.98 -1.15
C ASN D 39 -3.23 -11.63 -0.46
N LEU D 40 -3.35 -12.94 -0.58
CA LEU D 40 -4.35 -13.70 0.17
C LEU D 40 -3.94 -13.63 1.67
N PRO D 41 -4.87 -13.67 2.65
CA PRO D 41 -4.43 -13.75 4.05
C PRO D 41 -3.46 -14.93 4.26
N ASP D 42 -2.41 -14.68 5.03
CA ASP D 42 -1.36 -15.65 5.30
C ASP D 42 -1.79 -16.59 6.48
N SER D 43 -2.71 -17.54 6.19
CA SER D 43 -3.18 -18.54 7.17
C SER D 43 -3.64 -19.82 6.48
N LEU D 44 -3.95 -20.88 7.29
CA LEU D 44 -4.42 -22.18 6.83
C LEU D 44 -5.83 -22.11 6.20
N THR D 45 -6.61 -21.10 6.60
CA THR D 45 -7.99 -20.87 6.13
C THR D 45 -8.08 -19.45 5.55
N PRO D 46 -7.44 -19.17 4.38
CA PRO D 46 -7.46 -17.79 3.87
C PRO D 46 -8.79 -17.26 3.37
N TYR D 47 -9.71 -18.12 2.93
CA TYR D 47 -11.04 -17.73 2.44
C TYR D 47 -12.02 -17.43 3.56
N ALA D 48 -11.82 -18.09 4.73
CA ALA D 48 -12.58 -17.86 5.97
C ALA D 48 -12.15 -16.48 6.50
N ASP D 49 -10.83 -16.19 6.45
CA ASP D 49 -10.30 -14.89 6.87
C ASP D 49 -10.82 -13.78 5.95
N LEU D 50 -10.90 -14.03 4.62
CA LEU D 50 -11.47 -13.07 3.67
C LEU D 50 -12.95 -12.78 3.98
N ALA D 51 -13.72 -13.84 4.23
CA ALA D 51 -15.15 -13.83 4.55
C ALA D 51 -15.43 -12.94 5.76
N GLU D 52 -14.64 -13.11 6.83
CA GLU D 52 -14.80 -12.29 8.04
C GLU D 52 -14.48 -10.80 7.79
N GLN D 53 -13.43 -10.49 7.01
CA GLN D 53 -13.05 -9.11 6.68
C GLN D 53 -14.11 -8.44 5.81
N ALA D 54 -14.66 -9.16 4.81
CA ALA D 54 -15.65 -8.61 3.88
C ALA D 54 -17.13 -8.68 4.33
N GLY D 55 -17.39 -9.40 5.42
CA GLY D 55 -18.75 -9.58 5.95
C GLY D 55 -19.55 -10.50 5.05
N MET D 56 -18.93 -11.62 4.64
CA MET D 56 -19.43 -12.63 3.73
C MET D 56 -19.29 -14.01 4.36
N THR D 57 -19.82 -15.07 3.71
CA THR D 57 -19.62 -16.47 4.11
C THR D 57 -18.44 -16.98 3.29
N GLU D 58 -17.63 -17.92 3.83
CA GLU D 58 -16.50 -18.54 3.13
C GLU D 58 -16.95 -19.17 1.78
N ALA D 59 -18.17 -19.75 1.78
CA ALA D 59 -18.81 -20.34 0.60
C ALA D 59 -19.03 -19.25 -0.47
N GLN D 60 -19.45 -18.02 -0.06
CA GLN D 60 -19.65 -16.91 -1.00
C GLN D 60 -18.30 -16.39 -1.53
N VAL D 61 -17.24 -16.40 -0.68
CA VAL D 61 -15.91 -16.00 -1.18
C VAL D 61 -15.49 -16.97 -2.28
N LEU D 62 -15.61 -18.28 -2.02
CA LEU D 62 -15.24 -19.34 -2.94
C LEU D 62 -16.04 -19.28 -4.23
N GLU D 63 -17.35 -18.97 -4.11
CA GLU D 63 -18.30 -18.77 -5.20
C GLU D 63 -17.82 -17.60 -6.11
N LEU D 64 -17.51 -16.43 -5.51
CA LEU D 64 -17.05 -15.22 -6.21
C LEU D 64 -15.71 -15.47 -6.92
N LEU D 65 -14.73 -16.08 -6.22
CA LEU D 65 -13.43 -16.35 -6.82
C LEU D 65 -13.51 -17.43 -7.91
N GLY D 66 -14.35 -18.45 -7.68
CA GLY D 66 -14.60 -19.53 -8.63
C GLY D 66 -15.23 -19.03 -9.92
N ARG D 67 -16.27 -18.21 -9.78
CA ARG D 67 -17.04 -17.57 -10.85
C ARG D 67 -16.13 -16.65 -11.68
N LEU D 68 -15.22 -15.89 -11.03
CA LEU D 68 -14.30 -15.01 -11.74
C LEU D 68 -13.19 -15.76 -12.47
N LYS D 69 -12.82 -16.95 -11.97
CA LYS D 69 -11.82 -17.81 -12.59
C LYS D 69 -12.42 -18.46 -13.84
N ALA D 70 -13.70 -18.89 -13.75
CA ALA D 70 -14.45 -19.53 -14.84
C ALA D 70 -14.76 -18.57 -16.00
N SER D 71 -15.18 -17.32 -15.70
CA SER D 71 -15.45 -16.31 -16.72
C SER D 71 -14.18 -15.72 -17.34
N GLY D 72 -13.03 -15.90 -16.68
CA GLY D 72 -11.74 -15.39 -17.12
C GLY D 72 -11.39 -14.00 -16.60
N ALA D 73 -12.32 -13.34 -15.85
CA ALA D 73 -12.08 -12.01 -15.26
C ALA D 73 -10.87 -12.05 -14.31
N ILE D 74 -10.60 -13.21 -13.68
CA ILE D 74 -9.38 -13.49 -12.94
C ILE D 74 -8.71 -14.42 -13.92
N ARG D 75 -7.68 -13.94 -14.57
CA ARG D 75 -6.91 -14.65 -15.60
C ARG D 75 -6.14 -15.81 -14.93
N ARG D 76 -5.50 -15.53 -13.76
CA ARG D 76 -4.76 -16.50 -12.93
C ARG D 76 -4.80 -16.19 -11.44
N PHE D 77 -4.83 -17.24 -10.61
CA PHE D 77 -4.92 -17.16 -9.16
C PHE D 77 -3.89 -18.07 -8.52
N GLY D 78 -2.84 -17.43 -8.01
CA GLY D 78 -1.74 -18.10 -7.37
C GLY D 78 -0.52 -17.23 -7.19
N ALA D 79 0.63 -17.87 -7.06
CA ALA D 79 1.93 -17.23 -6.83
C ALA D 79 2.48 -16.49 -8.03
N SER D 80 2.90 -15.25 -7.80
CA SER D 80 3.58 -14.38 -8.74
C SER D 80 5.03 -14.44 -8.27
N ILE D 81 5.92 -14.90 -9.15
CA ILE D 81 7.35 -15.06 -8.84
C ILE D 81 8.17 -13.81 -9.08
N LYS D 82 9.41 -13.76 -8.51
CA LYS D 82 10.32 -12.64 -8.71
C LYS D 82 10.91 -12.71 -10.11
N HIS D 83 10.70 -11.65 -10.89
CA HIS D 83 11.12 -11.49 -12.29
C HIS D 83 12.62 -11.68 -12.50
N GLN D 84 12.97 -12.48 -13.52
CA GLN D 84 14.37 -12.76 -13.89
C GLN D 84 14.86 -11.82 -15.00
N LYS D 85 16.19 -11.61 -15.04
CA LYS D 85 16.86 -10.72 -15.98
C LYS D 85 16.69 -11.14 -17.45
N THR D 86 15.98 -10.27 -18.21
CA THR D 86 15.66 -10.44 -19.63
C THR D 86 16.89 -10.17 -20.52
N GLY D 87 17.11 -11.04 -21.52
CA GLY D 87 18.20 -10.93 -22.46
C GLY D 87 17.98 -9.90 -23.56
N TRP D 88 16.78 -9.30 -23.56
CA TRP D 88 16.36 -8.25 -24.48
C TRP D 88 16.36 -6.92 -23.73
N THR D 89 17.55 -6.29 -23.74
CA THR D 89 17.85 -5.01 -23.11
C THR D 89 17.46 -3.86 -24.01
N HIS D 90 17.42 -4.10 -25.31
CA HIS D 90 16.99 -3.09 -26.26
C HIS D 90 15.56 -3.34 -26.71
N ASN D 91 14.77 -2.29 -26.60
CA ASN D 91 13.35 -2.28 -26.96
C ASN D 91 13.10 -1.01 -27.77
N ALA D 92 12.42 -1.14 -28.91
CA ALA D 92 12.15 0.01 -29.76
C ALA D 92 10.67 0.03 -30.15
N MET D 93 9.99 1.14 -29.86
CA MET D 93 8.59 1.29 -30.25
C MET D 93 8.65 2.06 -31.55
N VAL D 94 8.24 1.39 -32.64
CA VAL D 94 8.30 1.96 -33.99
C VAL D 94 6.87 2.11 -34.50
N ALA D 95 6.52 3.32 -34.92
CA ALA D 95 5.20 3.60 -35.48
C ALA D 95 5.33 3.75 -37.00
N TRP D 96 4.47 3.06 -37.77
CA TRP D 96 4.54 3.07 -39.23
C TRP D 96 3.30 3.65 -39.92
N LYS D 97 3.51 4.22 -41.11
CA LYS D 97 2.46 4.71 -42.00
C LYS D 97 1.80 3.46 -42.62
N VAL D 98 0.48 3.45 -42.70
CA VAL D 98 -0.21 2.29 -43.24
C VAL D 98 -1.57 2.67 -43.84
N THR D 99 -1.85 2.13 -45.01
CA THR D 99 -3.10 2.30 -45.76
C THR D 99 -4.14 1.37 -45.14
N PRO D 100 -5.43 1.79 -45.02
CA PRO D 100 -6.48 0.89 -44.47
C PRO D 100 -6.55 -0.47 -45.16
N ASP D 101 -6.12 -0.51 -46.44
CA ASP D 101 -6.06 -1.72 -47.29
C ASP D 101 -4.87 -2.64 -46.93
N GLN D 102 -3.82 -2.09 -46.30
CA GLN D 102 -2.59 -2.82 -45.94
C GLN D 102 -2.59 -3.37 -44.51
N VAL D 103 -3.45 -2.83 -43.62
CA VAL D 103 -3.56 -3.13 -42.18
C VAL D 103 -3.47 -4.63 -41.82
N ASP D 104 -4.38 -5.46 -42.36
CA ASP D 104 -4.44 -6.89 -42.04
C ASP D 104 -3.21 -7.68 -42.45
N ASP D 105 -2.68 -7.46 -43.67
CA ASP D 105 -1.47 -8.14 -44.17
C ASP D 105 -0.23 -7.70 -43.45
N CYS D 106 -0.02 -6.35 -43.30
CA CYS D 106 1.14 -5.77 -42.62
C CYS D 106 1.16 -6.17 -41.15
N GLY D 107 0.01 -6.07 -40.48
CA GLY D 107 -0.17 -6.41 -39.08
C GLY D 107 0.18 -7.86 -38.82
N ARG D 108 -0.41 -8.75 -39.64
CA ARG D 108 -0.22 -10.20 -39.59
C ARG D 108 1.22 -10.61 -39.85
N LYS D 109 1.85 -10.05 -40.89
CA LYS D 109 3.23 -10.39 -41.24
C LYS D 109 4.19 -9.91 -40.16
N ALA D 110 4.00 -8.70 -39.63
CA ALA D 110 4.87 -8.14 -38.58
C ALA D 110 4.74 -8.94 -37.29
N ALA D 111 3.54 -9.38 -36.93
CA ALA D 111 3.31 -10.18 -35.72
C ALA D 111 3.99 -11.57 -35.80
N GLU D 112 4.29 -12.04 -37.02
CA GLU D 112 4.99 -13.30 -37.25
C GLU D 112 6.48 -13.18 -36.97
N HIS D 113 7.03 -11.93 -36.91
CA HIS D 113 8.45 -11.71 -36.60
C HIS D 113 8.72 -12.11 -35.16
N SER D 114 9.81 -12.87 -34.96
CA SER D 114 10.22 -13.39 -33.64
C SER D 114 10.62 -12.29 -32.63
N HIS D 115 11.08 -11.12 -33.13
CA HIS D 115 11.54 -10.01 -32.29
C HIS D 115 10.46 -8.95 -32.03
N ILE D 116 9.23 -9.20 -32.55
CA ILE D 116 8.06 -8.32 -32.41
C ILE D 116 7.01 -9.06 -31.57
N SER D 117 6.70 -8.54 -30.38
CA SER D 117 5.72 -9.14 -29.46
C SER D 117 4.27 -8.65 -29.71
N HIS D 118 4.08 -7.31 -29.73
CA HIS D 118 2.78 -6.68 -29.95
C HIS D 118 2.77 -5.89 -31.23
N VAL D 119 1.61 -5.92 -31.93
CA VAL D 119 1.29 -5.16 -33.14
C VAL D 119 -0.08 -4.52 -32.91
N TYR D 120 -0.15 -3.19 -32.94
CA TYR D 120 -1.39 -2.44 -32.72
C TYR D 120 -1.70 -1.55 -33.88
N TYR D 121 -2.98 -1.46 -34.21
CA TYR D 121 -3.46 -0.51 -35.18
C TYR D 121 -4.19 0.53 -34.36
N ARG D 122 -3.65 1.74 -34.34
CA ARG D 122 -4.18 2.87 -33.59
C ARG D 122 -4.47 4.01 -34.56
N PRO D 123 -5.73 4.10 -35.09
CA PRO D 123 -6.07 5.24 -35.99
C PRO D 123 -5.76 6.62 -35.40
N SER D 124 -5.21 7.49 -36.26
CA SER D 124 -4.84 8.86 -35.97
C SER D 124 -5.41 9.75 -37.08
N SER D 125 -5.97 10.86 -36.69
CA SER D 125 -6.53 11.85 -37.58
C SER D 125 -5.59 13.07 -37.56
N ALA D 126 -4.68 13.16 -36.55
CA ALA D 126 -3.68 14.24 -36.40
C ALA D 126 -2.83 14.37 -37.66
N PRO D 127 -2.76 15.59 -38.25
CA PRO D 127 -1.95 15.79 -39.47
C PRO D 127 -0.46 15.54 -39.26
N ASP D 128 0.05 15.92 -38.08
CA ASP D 128 1.46 15.77 -37.77
C ASP D 128 1.82 14.42 -37.12
N TRP D 129 0.86 13.48 -37.06
CA TRP D 129 1.10 12.12 -36.57
C TRP D 129 0.42 11.14 -37.54
N PRO D 130 1.05 10.86 -38.70
CA PRO D 130 0.40 9.97 -39.70
C PRO D 130 0.66 8.48 -39.47
N TYR D 131 1.38 8.14 -38.40
CA TYR D 131 1.77 6.77 -38.10
C TYR D 131 0.69 6.04 -37.36
N GLU D 132 0.28 4.86 -37.86
CA GLU D 132 -0.84 4.16 -37.23
C GLU D 132 -0.62 2.70 -36.85
N MET D 133 0.42 2.08 -37.42
CA MET D 133 0.77 0.71 -37.12
C MET D 133 1.99 0.72 -36.16
N TYR D 134 1.82 0.12 -34.97
CA TYR D 134 2.83 0.09 -33.92
C TYR D 134 3.45 -1.30 -33.72
N THR D 135 4.77 -1.40 -33.87
CA THR D 135 5.52 -2.64 -33.64
C THR D 135 6.47 -2.47 -32.50
N MET D 136 6.31 -3.30 -31.46
CA MET D 136 7.19 -3.28 -30.29
C MET D 136 8.34 -4.22 -30.63
N ILE D 137 9.51 -3.64 -30.89
CA ILE D 137 10.70 -4.38 -31.28
C ILE D 137 11.60 -4.65 -30.08
N HIS D 138 12.17 -5.88 -30.04
CA HIS D 138 13.05 -6.37 -28.99
C HIS D 138 14.37 -6.83 -29.60
N GLY D 139 15.46 -6.58 -28.89
CA GLY D 139 16.79 -6.94 -29.35
C GLY D 139 17.85 -6.89 -28.28
N ARG D 140 19.03 -7.42 -28.62
CA ARG D 140 20.22 -7.48 -27.76
C ARG D 140 20.99 -6.17 -27.89
N SER D 141 20.74 -5.42 -28.99
CA SER D 141 21.39 -4.16 -29.29
C SER D 141 20.47 -3.22 -30.08
N GLU D 142 20.91 -1.96 -30.29
CA GLU D 142 20.20 -0.97 -31.06
C GLU D 142 20.25 -1.35 -32.54
N ALA D 143 21.42 -1.85 -32.99
CA ALA D 143 21.67 -2.35 -34.34
C ALA D 143 20.85 -3.60 -34.66
N GLU D 144 20.58 -4.46 -33.65
CA GLU D 144 19.73 -5.65 -33.82
C GLU D 144 18.26 -5.19 -34.05
N CYS D 145 17.76 -4.24 -33.21
CA CYS D 145 16.42 -3.63 -33.32
C CYS D 145 16.25 -2.98 -34.70
N LEU D 146 17.32 -2.33 -35.21
CA LEU D 146 17.32 -1.70 -36.52
C LEU D 146 17.24 -2.74 -37.66
N GLY D 147 17.80 -3.92 -37.42
CA GLY D 147 17.75 -5.06 -38.35
C GLY D 147 16.35 -5.62 -38.51
N VAL D 148 15.53 -5.53 -37.46
CA VAL D 148 14.11 -5.96 -37.49
C VAL D 148 13.30 -4.92 -38.32
N VAL D 149 13.63 -3.63 -38.20
CA VAL D 149 13.01 -2.55 -38.99
C VAL D 149 13.21 -2.84 -40.47
N GLU D 150 14.45 -3.24 -40.84
CA GLU D 150 14.83 -3.64 -42.20
C GLU D 150 14.13 -4.92 -42.65
N ASP D 151 13.92 -5.88 -41.74
CA ASP D 151 13.20 -7.13 -42.04
C ASP D 151 11.73 -6.80 -42.40
N VAL D 152 11.12 -5.87 -41.62
CA VAL D 152 9.74 -5.41 -41.81
C VAL D 152 9.55 -4.75 -43.18
N LYS D 153 10.51 -3.89 -43.59
CA LYS D 153 10.51 -3.20 -44.90
C LYS D 153 10.65 -4.17 -46.09
N ARG D 154 11.43 -5.22 -45.92
CA ARG D 154 11.71 -6.29 -46.88
C ARG D 154 10.53 -7.27 -47.03
N THR D 155 9.79 -7.55 -45.94
CA THR D 155 8.70 -8.54 -45.88
C THR D 155 7.27 -8.00 -45.92
N THR D 156 7.10 -6.66 -45.80
CA THR D 156 5.77 -6.05 -45.80
C THR D 156 5.82 -4.80 -46.66
N SER D 157 4.63 -4.21 -46.93
CA SER D 157 4.47 -2.95 -47.64
C SER D 157 4.88 -1.76 -46.76
N LEU D 158 5.12 -1.98 -45.43
CA LEU D 158 5.49 -0.90 -44.50
C LEU D 158 6.86 -0.29 -44.87
N LYS D 159 6.95 1.04 -44.96
CA LYS D 159 8.20 1.72 -45.33
C LYS D 159 8.50 2.86 -44.38
N GLU D 160 7.74 3.96 -44.48
CA GLU D 160 7.85 5.17 -43.65
C GLU D 160 7.45 4.89 -42.22
N HIS D 161 8.29 5.31 -41.29
CA HIS D 161 8.10 5.05 -39.87
C HIS D 161 8.79 6.11 -39.03
N ALA D 162 8.48 6.12 -37.73
CA ALA D 162 9.14 6.96 -36.72
C ALA D 162 9.58 6.02 -35.60
N ILE D 163 10.82 6.20 -35.13
CA ILE D 163 11.36 5.43 -34.01
C ILE D 163 11.16 6.34 -32.80
N LEU D 164 10.39 5.87 -31.83
CA LEU D 164 10.10 6.73 -30.68
C LEU D 164 11.00 6.25 -29.56
N ARG D 165 12.27 6.66 -29.67
CA ARG D 165 13.35 6.28 -28.78
C ARG D 165 13.08 6.73 -27.34
N SER D 166 13.11 5.76 -26.41
CA SER D 166 12.90 6.04 -25.00
C SER D 166 14.10 6.81 -24.39
N LEU D 167 13.81 7.90 -23.67
CA LEU D 167 14.81 8.76 -23.06
C LEU D 167 14.76 8.68 -21.55
N LYS D 168 13.54 8.58 -20.98
CA LYS D 168 13.32 8.53 -19.55
C LYS D 168 11.97 7.92 -19.21
N GLU D 169 12.01 6.90 -18.35
CA GLU D 169 10.82 6.25 -17.79
C GLU D 169 10.39 7.16 -16.63
N LEU D 170 9.28 7.89 -16.82
CA LEU D 170 8.77 8.86 -15.85
C LEU D 170 7.87 8.20 -14.83
N LYS D 171 7.23 7.09 -15.20
CA LYS D 171 6.34 6.33 -14.33
C LYS D 171 6.24 4.92 -14.87
N LYS D 172 6.19 3.92 -13.95
CA LYS D 172 6.05 2.50 -14.24
C LYS D 172 5.37 1.84 -13.03
N THR D 173 4.10 1.45 -13.16
CA THR D 173 3.35 0.84 -12.08
C THR D 173 2.43 -0.23 -12.59
N SER D 174 1.88 -1.00 -11.65
CA SER D 174 0.90 -2.04 -11.85
C SER D 174 -0.48 -1.38 -11.68
N MET D 175 -1.46 -1.74 -12.50
CA MET D 175 -2.83 -1.20 -12.42
C MET D 175 -3.60 -1.76 -11.19
N THR D 176 -4.27 -0.87 -10.44
CA THR D 176 -5.09 -1.25 -9.28
C THR D 176 -6.52 -1.13 -9.73
N TYR D 177 -7.17 -2.28 -9.96
CA TYR D 177 -8.55 -2.29 -10.45
C TYR D 177 -9.59 -1.96 -9.41
N PHE D 178 -9.35 -2.40 -8.16
CA PHE D 178 -10.27 -2.17 -7.03
C PHE D 178 -9.65 -1.17 -6.09
N THR D 179 -10.13 0.08 -6.18
CA THR D 179 -9.63 1.26 -5.45
C THR D 179 -10.15 1.39 -4.01
#